data_5AFW
#
_entry.id   5AFW
#
_cell.length_a   110.296
_cell.length_b   44.445
_cell.length_c   46.194
_cell.angle_alpha   90.00
_cell.angle_beta   90.00
_cell.angle_gamma   90.00
#
_symmetry.space_group_name_H-M   'P 21 21 2'
#
loop_
_entity.id
_entity.type
_entity.pdbx_description
1 polymer 'CHROMODOMAIN-HELICASE-DNA-BINDING PROTEIN 1'
2 polymer 'LYSINE-SPECIFIC HISTONE DEMETHYLASE 1A'
3 non-polymer 1,2-ETHANEDIOL
4 non-polymer 'CHLORIDE ION'
5 water water
#
loop_
_entity_poly.entity_id
_entity_poly.type
_entity_poly.pdbx_seq_one_letter_code
_entity_poly.pdbx_strand_id
1 'polypeptide(L)'
;EFETIERFMDCRIGRKGATGATTTIYAVEADGDPNAGFEKNKEPGEIQYLIKWKGWSHIHNTWETEETLKQQNVRGMKKL
DNYKKKDQETKRWLKNASPEDVEYYNCQQELTDDLHKQYQIVERIIAHSNQKSAAGYPDYYCKWQGLPYSECSWEDGALI
SKKFQACIDEYFSR
;
A
2 'polypeptide(L)' RRTSRR(MLY)RAKVE B
#
# COMPACT_ATOMS: atom_id res chain seq x y z
N GLU A 1 -4.36 17.96 -9.92
CA GLU A 1 -4.16 17.71 -8.49
C GLU A 1 -2.94 16.80 -8.21
N PHE A 2 -2.66 16.54 -6.92
CA PHE A 2 -1.51 15.74 -6.50
C PHE A 2 -1.88 14.77 -5.40
N GLU A 3 -0.97 13.82 -5.12
CA GLU A 3 -1.18 12.88 -4.04
C GLU A 3 -0.67 13.48 -2.74
N THR A 4 -1.15 12.91 -1.63
CA THR A 4 -0.77 13.40 -0.31
C THR A 4 -0.33 12.21 0.50
N ILE A 5 0.83 12.36 1.15
CA ILE A 5 1.35 11.31 2.03
C ILE A 5 0.49 11.32 3.30
N GLU A 6 -0.01 10.14 3.71
CA GLU A 6 -0.76 10.08 4.98
C GLU A 6 0.21 9.66 6.09
N ARG A 7 0.97 8.58 5.88
CA ARG A 7 1.87 8.01 6.89
C ARG A 7 3.02 7.25 6.26
N PHE A 8 4.23 7.35 6.88
CA PHE A 8 5.44 6.59 6.54
C PHE A 8 5.28 5.30 7.30
N MET A 9 5.20 4.19 6.57
CA MET A 9 4.94 2.84 7.09
C MET A 9 6.21 2.06 7.42
N ASP A 10 7.27 2.29 6.64
CA ASP A 10 8.48 1.50 6.78
C ASP A 10 9.59 2.17 5.96
N CYS A 11 10.80 1.68 6.12
CA CYS A 11 12.00 2.17 5.45
C CYS A 11 12.89 0.99 5.12
N ARG A 12 13.60 1.05 3.98
CA ARG A 12 14.53 -0.01 3.63
C ARG A 12 15.63 0.54 2.74
N ILE A 13 16.66 -0.26 2.54
CA ILE A 13 17.67 -0.05 1.50
C ILE A 13 17.17 -1.06 0.47
N GLY A 14 16.78 -0.58 -0.69
CA GLY A 14 16.25 -1.43 -1.75
C GLY A 14 16.92 -1.18 -3.09
N ARG A 15 16.65 -2.07 -4.04
CA ARG A 15 17.20 -1.97 -5.39
C ARG A 15 16.86 -0.62 -6.05
N LYS A 16 17.85 0.04 -6.67
CA LYS A 16 17.57 1.32 -7.33
C LYS A 16 16.47 1.13 -8.38
N GLY A 17 15.43 1.98 -8.29
CA GLY A 17 14.28 1.99 -9.18
C GLY A 17 13.12 1.11 -8.71
N ALA A 18 13.29 0.35 -7.60
CA ALA A 18 12.19 -0.51 -7.11
C ALA A 18 11.21 0.33 -6.28
N THR A 19 10.52 1.25 -6.96
CA THR A 19 9.57 2.20 -6.35
C THR A 19 8.36 2.41 -7.25
N GLY A 20 7.31 3.02 -6.68
CA GLY A 20 6.13 3.41 -7.46
C GLY A 20 5.14 2.29 -7.65
N ALA A 21 4.30 2.43 -8.68
CA ALA A 21 3.17 1.53 -8.94
C ALA A 21 3.52 0.02 -8.98
N THR A 22 4.73 -0.35 -9.44
CA THR A 22 5.15 -1.76 -9.52
C THR A 22 5.42 -2.38 -8.15
N THR A 23 5.35 -1.57 -7.07
CA THR A 23 5.59 -2.10 -5.73
C THR A 23 4.35 -2.31 -4.89
N THR A 24 3.13 -2.06 -5.45
CA THR A 24 1.92 -2.35 -4.66
C THR A 24 1.87 -3.88 -4.48
N ILE A 25 1.21 -4.33 -3.41
CA ILE A 25 1.10 -5.78 -3.18
C ILE A 25 0.49 -6.51 -4.38
N TYR A 26 -0.47 -5.89 -5.08
CA TYR A 26 -1.12 -6.54 -6.24
C TYR A 26 -0.25 -6.53 -7.51
N ALA A 27 0.62 -5.52 -7.65
CA ALA A 27 1.56 -5.54 -8.78
C ALA A 27 2.63 -6.64 -8.48
N VAL A 28 3.08 -6.76 -7.20
CA VAL A 28 4.05 -7.76 -6.76
C VAL A 28 3.50 -9.17 -7.02
N GLU A 29 2.23 -9.39 -6.66
CA GLU A 29 1.58 -10.68 -6.86
C GLU A 29 1.43 -11.04 -8.34
N ALA A 30 1.16 -10.04 -9.19
CA ALA A 30 0.99 -10.30 -10.63
C ALA A 30 2.30 -10.43 -11.41
N ASP A 31 3.32 -9.60 -11.08
CA ASP A 31 4.55 -9.52 -11.87
C ASP A 31 5.86 -9.77 -11.14
N GLY A 32 5.81 -10.04 -9.85
CA GLY A 32 7.01 -10.28 -9.07
C GLY A 32 7.48 -9.00 -8.42
N ASP A 33 8.16 -9.15 -7.31
CA ASP A 33 8.64 -8.02 -6.55
C ASP A 33 9.81 -7.35 -7.30
N PRO A 34 9.74 -6.01 -7.63
CA PRO A 34 10.88 -5.35 -8.30
C PRO A 34 12.14 -5.38 -7.45
N ASN A 35 11.98 -5.61 -6.14
CA ASN A 35 13.11 -5.65 -5.20
C ASN A 35 13.49 -7.13 -4.91
N ALA A 36 12.86 -8.16 -5.55
CA ALA A 36 13.22 -9.55 -5.21
C ALA A 36 14.68 -9.89 -5.37
N GLY A 37 15.21 -10.61 -4.37
CA GLY A 37 16.60 -11.07 -4.32
C GLY A 37 17.64 -9.99 -4.18
N PHE A 38 17.21 -8.77 -3.76
CA PHE A 38 18.14 -7.64 -3.59
C PHE A 38 19.06 -7.90 -2.46
N GLU A 39 20.37 -7.74 -2.71
CA GLU A 39 21.38 -7.91 -1.70
C GLU A 39 22.19 -6.63 -1.74
N LYS A 40 22.06 -5.77 -0.69
CA LYS A 40 22.73 -4.46 -0.67
C LYS A 40 24.27 -4.48 -0.82
N ASN A 41 24.93 -5.65 -0.65
CA ASN A 41 26.39 -5.74 -0.79
C ASN A 41 26.85 -6.21 -2.19
N LYS A 42 25.87 -6.39 -3.10
CA LYS A 42 26.09 -6.92 -4.46
C LYS A 42 25.61 -6.01 -5.59
N GLU A 43 24.86 -4.93 -5.29
CA GLU A 43 24.33 -4.05 -6.32
C GLU A 43 23.90 -2.67 -5.79
N PRO A 44 23.72 -1.65 -6.69
CA PRO A 44 23.30 -0.32 -6.23
C PRO A 44 21.97 -0.32 -5.47
N GLY A 45 21.95 0.38 -4.36
CA GLY A 45 20.76 0.48 -3.53
C GLY A 45 20.45 1.92 -3.21
N GLU A 46 19.25 2.18 -2.72
CA GLU A 46 18.86 3.54 -2.32
C GLU A 46 17.88 3.42 -1.16
N ILE A 47 17.77 4.47 -0.36
CA ILE A 47 16.82 4.48 0.74
C ILE A 47 15.41 4.68 0.20
N GLN A 48 14.50 3.73 0.52
CA GLN A 48 13.12 3.77 0.06
C GLN A 48 12.19 3.74 1.25
N TYR A 49 11.08 4.46 1.14
CA TYR A 49 10.08 4.62 2.21
C TYR A 49 8.78 3.99 1.76
N LEU A 50 8.13 3.24 2.66
CA LEU A 50 6.85 2.64 2.31
C LEU A 50 5.76 3.66 2.73
N ILE A 51 4.98 4.12 1.73
CA ILE A 51 3.97 5.15 1.93
C ILE A 51 2.54 4.67 1.92
N LYS A 52 1.76 5.11 2.97
CA LYS A 52 0.32 4.97 3.00
C LYS A 52 -0.16 6.35 2.49
N TRP A 53 -0.93 6.33 1.41
CA TRP A 53 -1.44 7.53 0.75
C TRP A 53 -2.81 7.93 1.27
N LYS A 54 -3.05 9.25 1.35
CA LYS A 54 -4.33 9.82 1.77
C LYS A 54 -5.37 9.50 0.68
N GLY A 55 -6.46 8.89 1.10
CA GLY A 55 -7.56 8.52 0.20
C GLY A 55 -7.40 7.21 -0.55
N TRP A 56 -6.32 6.45 -0.29
CA TRP A 56 -6.08 5.12 -0.90
C TRP A 56 -5.85 4.10 0.22
N SER A 57 -6.52 2.93 0.17
CA SER A 57 -6.32 1.95 1.23
C SER A 57 -4.88 1.37 1.21
N HIS A 58 -4.54 0.59 2.26
CA HIS A 58 -3.21 -0.01 2.42
C HIS A 58 -2.78 -0.94 1.27
N ILE A 59 -3.74 -1.56 0.54
CA ILE A 59 -3.30 -2.37 -0.63
C ILE A 59 -2.57 -1.52 -1.70
N HIS A 60 -2.77 -0.18 -1.69
CA HIS A 60 -2.14 0.75 -2.66
C HIS A 60 -0.84 1.37 -2.17
N ASN A 61 -0.33 0.93 -0.99
CA ASN A 61 0.93 1.48 -0.46
C ASN A 61 2.05 1.20 -1.47
N THR A 62 2.96 2.18 -1.61
CA THR A 62 4.08 2.02 -2.54
C THR A 62 5.37 2.41 -1.87
N TRP A 63 6.48 1.83 -2.33
CA TRP A 63 7.82 2.23 -1.90
C TRP A 63 8.21 3.45 -2.75
N GLU A 64 8.83 4.47 -2.12
CA GLU A 64 9.20 5.70 -2.82
C GLU A 64 10.51 6.18 -2.31
N THR A 65 11.23 7.01 -3.08
CA THR A 65 12.45 7.64 -2.55
C THR A 65 12.07 9.11 -2.34
N GLU A 66 12.94 9.84 -1.68
CA GLU A 66 12.75 11.28 -1.49
C GLU A 66 12.65 11.93 -2.90
N GLU A 67 13.45 11.43 -3.85
CA GLU A 67 13.46 11.87 -5.23
C GLU A 67 12.09 11.68 -5.88
N THR A 68 11.52 10.47 -5.84
CA THR A 68 10.21 10.22 -6.46
C THR A 68 9.11 11.02 -5.78
N LEU A 69 9.21 11.19 -4.47
CA LEU A 69 8.25 12.04 -3.76
C LEU A 69 8.31 13.48 -4.26
N LYS A 70 9.54 14.02 -4.41
CA LYS A 70 9.71 15.38 -4.87
C LYS A 70 9.31 15.57 -6.33
N GLN A 71 9.64 14.58 -7.19
CA GLN A 71 9.32 14.60 -8.63
C GLN A 71 7.81 14.56 -8.90
N GLN A 72 7.04 13.90 -8.00
CA GLN A 72 5.59 13.82 -8.19
CA GLN A 72 5.58 13.72 -8.05
C GLN A 72 4.85 14.93 -7.43
N ASN A 73 5.60 15.86 -6.78
CA ASN A 73 5.09 17.05 -6.07
C ASN A 73 4.04 16.65 -5.03
N VAL A 74 4.31 15.57 -4.29
CA VAL A 74 3.38 15.08 -3.26
C VAL A 74 3.27 16.04 -2.11
N ARG A 75 2.09 16.08 -1.48
CA ARG A 75 1.85 16.89 -0.31
C ARG A 75 2.20 16.04 0.89
N GLY A 76 2.41 16.69 2.04
CA GLY A 76 2.75 15.98 3.26
C GLY A 76 4.24 15.75 3.42
N MET A 77 5.06 16.48 2.63
CA MET A 77 6.53 16.38 2.65
C MET A 77 7.12 16.70 4.01
N LYS A 78 6.36 17.42 4.86
CA LYS A 78 6.80 17.71 6.23
C LYS A 78 6.99 16.39 6.99
N LYS A 79 6.13 15.37 6.69
CA LYS A 79 6.21 14.06 7.33
C LYS A 79 7.54 13.35 7.02
N LEU A 80 8.13 13.63 5.84
CA LEU A 80 9.41 13.02 5.44
C LEU A 80 10.50 13.55 6.35
N ASP A 81 10.55 14.88 6.55
CA ASP A 81 11.54 15.51 7.43
C ASP A 81 11.36 14.93 8.85
N ASN A 82 10.09 14.78 9.28
CA ASN A 82 9.72 14.20 10.58
C ASN A 82 10.12 12.72 10.72
N TYR A 83 9.83 11.88 9.70
CA TYR A 83 10.17 10.46 9.74
C TYR A 83 11.69 10.25 9.76
N LYS A 84 12.45 11.00 8.93
CA LYS A 84 13.92 10.92 8.85
C LYS A 84 14.57 11.21 10.19
N LYS A 85 14.05 12.21 10.94
CA LYS A 85 14.54 12.57 12.27
C LYS A 85 14.28 11.41 13.24
N LYS A 86 13.05 10.84 13.21
CA LYS A 86 12.63 9.73 14.08
C LYS A 86 13.41 8.44 13.81
N ASP A 87 13.71 8.17 12.52
CA ASP A 87 14.45 6.97 12.08
C ASP A 87 15.90 6.98 12.55
N GLN A 88 16.56 8.16 12.48
CA GLN A 88 17.95 8.36 12.89
C GLN A 88 18.13 8.18 14.41
N GLU A 89 17.12 8.58 15.22
CA GLU A 89 17.21 8.44 16.68
C GLU A 89 16.59 7.10 17.19
N THR A 90 16.58 6.09 16.31
CA THR A 90 16.13 4.71 16.59
C THR A 90 17.35 3.80 16.40
N LYS A 91 18.15 4.09 15.34
CA LYS A 91 19.38 3.37 14.98
C LYS A 91 20.46 3.57 16.04
N ARG A 92 20.52 4.79 16.62
CA ARG A 92 21.46 5.18 17.69
C ARG A 92 21.11 4.41 18.97
N TRP A 93 19.80 4.34 19.30
CA TRP A 93 19.23 3.65 20.46
C TRP A 93 19.55 2.15 20.43
N TYR A 105 12.35 -5.74 20.91
CA TYR A 105 12.24 -4.86 19.75
C TYR A 105 11.94 -5.62 18.45
N ASN A 106 12.67 -6.72 18.17
CA ASN A 106 12.44 -7.55 16.97
C ASN A 106 11.08 -8.22 16.99
N CYS A 107 10.57 -8.56 18.21
CA CYS A 107 9.25 -9.14 18.42
C CYS A 107 8.16 -8.07 18.22
N GLN A 108 8.50 -6.80 18.55
CA GLN A 108 7.63 -5.63 18.42
C GLN A 108 7.51 -5.20 16.95
N GLN A 109 8.64 -5.20 16.23
CA GLN A 109 8.69 -4.88 14.80
C GLN A 109 7.95 -5.97 14.03
N GLU A 110 8.11 -7.25 14.42
CA GLU A 110 7.40 -8.37 13.78
C GLU A 110 5.89 -8.24 13.98
N LEU A 111 5.45 -7.92 15.22
CA LEU A 111 4.03 -7.72 15.57
C LEU A 111 3.44 -6.59 14.71
N THR A 112 4.15 -5.44 14.63
CA THR A 112 3.76 -4.26 13.85
C THR A 112 3.59 -4.64 12.37
N ASP A 113 4.56 -5.39 11.80
CA ASP A 113 4.54 -5.87 10.43
C ASP A 113 3.33 -6.77 10.13
N ASP A 114 2.99 -7.70 11.04
CA ASP A 114 1.82 -8.57 10.89
C ASP A 114 0.52 -7.78 10.86
N LEU A 115 0.46 -6.72 11.65
CA LEU A 115 -0.67 -5.83 11.75
C LEU A 115 -0.89 -5.11 10.44
N HIS A 116 0.19 -4.54 9.93
CA HIS A 116 0.23 -3.82 8.66
C HIS A 116 -0.25 -4.70 7.50
N LYS A 117 0.11 -6.01 7.55
CA LYS A 117 -0.34 -6.98 6.56
C LYS A 117 -1.85 -7.19 6.66
N GLN A 118 -2.40 -7.21 7.89
CA GLN A 118 -3.84 -7.38 8.09
C GLN A 118 -4.66 -6.24 7.43
N TYR A 119 -4.13 -4.99 7.43
CA TYR A 119 -4.83 -3.84 6.81
C TYR A 119 -5.02 -4.04 5.31
N GLN A 120 -4.33 -5.01 4.72
CA GLN A 120 -4.46 -5.31 3.29
C GLN A 120 -5.40 -6.47 3.05
N ILE A 121 -6.10 -6.93 4.08
CA ILE A 121 -7.02 -8.05 3.99
C ILE A 121 -8.45 -7.55 4.08
N VAL A 122 -9.27 -7.92 3.09
CA VAL A 122 -10.69 -7.62 3.12
C VAL A 122 -11.33 -8.55 4.13
N GLU A 123 -11.97 -7.97 5.16
CA GLU A 123 -12.69 -8.71 6.20
C GLU A 123 -14.12 -8.96 5.73
N ARG A 124 -14.74 -7.94 5.10
CA ARG A 124 -16.12 -8.00 4.68
C ARG A 124 -16.35 -6.97 3.60
N ILE A 125 -17.26 -7.29 2.69
CA ILE A 125 -17.72 -6.33 1.68
C ILE A 125 -19.11 -5.88 2.16
N ILE A 126 -19.34 -4.56 2.18
CA ILE A 126 -20.59 -4.05 2.72
C ILE A 126 -21.42 -3.23 1.73
N ALA A 127 -20.93 -3.03 0.47
CA ALA A 127 -21.72 -2.34 -0.59
C ALA A 127 -21.09 -2.64 -1.93
N HIS A 128 -21.85 -2.41 -3.03
CA HIS A 128 -21.35 -2.56 -4.39
C HIS A 128 -21.92 -1.48 -5.28
N SER A 129 -21.16 -1.07 -6.33
CA SER A 129 -21.60 -0.04 -7.27
C SER A 129 -22.65 -0.61 -8.22
N ASN A 130 -23.59 0.26 -8.67
CA ASN A 130 -24.60 -0.13 -9.64
C ASN A 130 -23.92 -0.34 -11.00
N GLN A 131 -22.91 0.49 -11.31
CA GLN A 131 -22.16 0.38 -12.56
C GLN A 131 -21.12 -0.71 -12.49
N LYS A 132 -20.91 -1.37 -13.61
CA LYS A 132 -19.91 -2.43 -13.75
C LYS A 132 -18.92 -2.01 -14.83
N SER A 133 -17.70 -2.51 -14.73
CA SER A 133 -16.66 -2.28 -15.73
C SER A 133 -17.01 -3.04 -17.03
N ALA A 134 -16.24 -2.83 -18.11
CA ALA A 134 -16.47 -3.57 -19.36
C ALA A 134 -16.34 -5.08 -19.14
N ALA A 135 -15.50 -5.47 -18.16
CA ALA A 135 -15.25 -6.86 -17.77
C ALA A 135 -16.32 -7.42 -16.80
N GLY A 136 -17.33 -6.61 -16.50
CA GLY A 136 -18.49 -6.96 -15.68
C GLY A 136 -18.28 -6.95 -14.18
N TYR A 137 -17.29 -6.20 -13.70
CA TYR A 137 -17.04 -6.14 -12.27
C TYR A 137 -17.59 -4.84 -11.70
N PRO A 138 -18.41 -4.89 -10.63
CA PRO A 138 -18.75 -3.63 -9.92
C PRO A 138 -17.56 -3.25 -9.06
N ASP A 139 -17.61 -2.06 -8.43
CA ASP A 139 -16.65 -1.73 -7.39
C ASP A 139 -17.28 -2.19 -6.07
N TYR A 140 -16.46 -2.53 -5.08
CA TYR A 140 -16.92 -3.00 -3.78
C TYR A 140 -16.46 -2.12 -2.66
N TYR A 141 -17.33 -1.88 -1.65
CA TYR A 141 -16.93 -1.09 -0.47
C TYR A 141 -16.45 -2.08 0.57
N CYS A 142 -15.16 -2.00 0.90
CA CYS A 142 -14.44 -2.95 1.72
C CYS A 142 -14.15 -2.51 3.13
N LYS A 143 -14.38 -3.41 4.12
CA LYS A 143 -14.00 -3.28 5.51
C LYS A 143 -12.68 -4.07 5.64
N TRP A 144 -11.61 -3.40 6.07
CA TRP A 144 -10.27 -3.95 6.21
C TRP A 144 -10.05 -4.53 7.57
N GLN A 145 -9.40 -5.70 7.58
CA GLN A 145 -9.07 -6.37 8.84
C GLN A 145 -8.19 -5.50 9.71
N GLY A 146 -8.57 -5.40 10.99
CA GLY A 146 -7.80 -4.60 11.93
C GLY A 146 -7.99 -3.09 11.84
N LEU A 147 -8.88 -2.60 10.98
CA LEU A 147 -9.13 -1.16 10.85
C LEU A 147 -10.62 -0.87 11.11
N PRO A 148 -10.97 0.30 11.68
CA PRO A 148 -12.39 0.62 11.85
C PRO A 148 -13.15 0.90 10.55
N TYR A 149 -14.52 0.95 10.64
CA TYR A 149 -15.39 1.23 9.47
C TYR A 149 -15.13 2.57 8.83
N SER A 150 -14.58 3.54 9.59
CA SER A 150 -14.20 4.83 9.02
C SER A 150 -13.12 4.67 7.93
N GLU A 151 -12.36 3.54 7.95
CA GLU A 151 -11.30 3.27 6.97
C GLU A 151 -11.76 2.43 5.77
N CYS A 152 -13.09 2.14 5.65
CA CYS A 152 -13.59 1.40 4.50
C CYS A 152 -13.28 2.18 3.22
N SER A 153 -13.18 1.46 2.12
CA SER A 153 -12.87 2.11 0.85
C SER A 153 -13.51 1.40 -0.32
N TRP A 154 -13.75 2.18 -1.38
CA TRP A 154 -14.23 1.61 -2.65
C TRP A 154 -13.05 1.02 -3.38
N GLU A 155 -13.17 -0.23 -3.86
CA GLU A 155 -12.11 -0.90 -4.58
C GLU A 155 -12.60 -1.55 -5.88
N ASP A 156 -11.69 -1.67 -6.83
CA ASP A 156 -11.89 -2.31 -8.11
C ASP A 156 -12.31 -3.77 -7.90
N GLY A 157 -13.46 -4.18 -8.41
CA GLY A 157 -13.93 -5.54 -8.24
C GLY A 157 -12.98 -6.58 -8.82
N ALA A 158 -12.36 -6.30 -9.96
CA ALA A 158 -11.41 -7.26 -10.56
C ALA A 158 -10.22 -7.52 -9.61
N LEU A 159 -9.74 -6.46 -8.92
CA LEU A 159 -8.65 -6.59 -7.96
C LEU A 159 -9.09 -7.36 -6.74
N ILE A 160 -10.26 -7.04 -6.20
CA ILE A 160 -10.79 -7.71 -5.00
C ILE A 160 -11.05 -9.18 -5.27
N SER A 161 -11.55 -9.53 -6.49
CA SER A 161 -11.86 -10.94 -6.83
C SER A 161 -10.64 -11.87 -6.87
N LYS A 162 -9.43 -11.32 -7.10
CA LYS A 162 -8.20 -12.12 -7.20
C LYS A 162 -7.88 -12.88 -5.92
N LYS A 163 -8.02 -12.23 -4.76
CA LYS A 163 -7.65 -12.83 -3.47
C LYS A 163 -8.85 -12.95 -2.53
N PHE A 164 -9.91 -12.14 -2.74
CA PHE A 164 -11.06 -12.11 -1.82
C PHE A 164 -12.38 -12.51 -2.42
N GLN A 165 -12.34 -13.50 -3.35
CA GLN A 165 -13.58 -13.99 -3.93
C GLN A 165 -14.51 -14.50 -2.83
N ALA A 166 -13.97 -15.15 -1.78
CA ALA A 166 -14.83 -15.59 -0.69
C ALA A 166 -15.61 -14.45 -0.04
N CYS A 167 -15.07 -13.21 0.06
CA CYS A 167 -15.81 -12.06 0.60
C CYS A 167 -16.92 -11.63 -0.33
N ILE A 168 -16.66 -11.72 -1.67
CA ILE A 168 -17.69 -11.38 -2.68
C ILE A 168 -18.82 -12.39 -2.51
N ASP A 169 -18.49 -13.69 -2.43
CA ASP A 169 -19.50 -14.76 -2.28
C ASP A 169 -20.34 -14.59 -1.02
N GLU A 170 -19.71 -14.20 0.12
CA GLU A 170 -20.44 -13.96 1.38
C GLU A 170 -21.39 -12.77 1.23
N TYR A 171 -20.93 -11.67 0.60
CA TYR A 171 -21.72 -10.46 0.39
C TYR A 171 -22.97 -10.74 -0.46
N PHE A 172 -22.83 -11.51 -1.56
CA PHE A 172 -23.98 -11.83 -2.39
C PHE A 172 -24.79 -13.02 -1.84
N SER A 173 -24.28 -13.73 -0.80
CA SER A 173 -25.06 -14.84 -0.20
C SER A 173 -26.15 -14.29 0.72
N ARG A 174 -25.93 -13.09 1.30
CA ARG A 174 -26.87 -12.41 2.20
C ARG A 174 -28.11 -11.95 1.42
N THR B 3 -16.54 3.98 -6.94
CA THR B 3 -15.54 5.04 -7.14
C THR B 3 -14.12 4.53 -6.75
N SER B 4 -13.66 3.50 -7.48
CA SER B 4 -12.36 2.88 -7.24
C SER B 4 -11.28 3.29 -8.22
N ARG B 5 -10.02 3.04 -7.83
CA ARG B 5 -8.84 3.33 -8.62
C ARG B 5 -7.76 2.26 -8.31
N ARG B 6 -6.74 2.18 -9.19
CA ARG B 6 -5.59 1.28 -9.07
C ARG B 6 -4.38 2.17 -9.29
N ARG B 8 -1.27 3.11 -11.16
CA ARG B 8 -0.76 2.90 -12.51
C ARG B 8 0.51 3.71 -12.65
N ALA B 9 1.43 3.19 -13.45
CA ALA B 9 2.69 3.87 -13.63
C ALA B 9 2.52 5.22 -14.27
#